data_2OVS
#
_entry.id   2OVS
#
_cell.length_a   43.835
_cell.length_b   66.092
_cell.length_c   83.577
_cell.angle_alpha   90.00
_cell.angle_beta   90.00
_cell.angle_gamma   90.00
#
_symmetry.space_group_name_H-M   'P 21 21 21'
#
loop_
_entity.id
_entity.type
_entity.pdbx_description
1 polymer L0044
2 non-polymer 'TETRAETHYLENE GLYCOL'
3 water water
#
_entity_poly.entity_id   1
_entity_poly.type   'polypeptide(L)'
_entity_poly.pdbx_seq_one_letter_code
;GLVPRGS(MSE)I(MSE)KDGIYSIIFISNEDSCGEGILIKNGN(MSE)ITGGDIASVYQGVLSEDEDIILHVHRYNYEI
PSVLNIEQDYQLVIPKKVLSNDNNLTLHCHVRGNEKLFVDVYAKFIEPLV
;
_entity_poly.pdbx_strand_id   A,B
#
loop_
_chem_comp.id
_chem_comp.type
_chem_comp.name
_chem_comp.formula
PG4 non-polymer 'TETRAETHYLENE GLYCOL' 'C8 H18 O5'
#
# COMPACT_ATOMS: atom_id res chain seq x y z
N GLY A 1 -16.88 20.85 -2.59
CA GLY A 1 -17.09 20.49 -1.16
C GLY A 1 -17.33 19.02 -0.86
N LEU A 2 -17.28 18.66 0.41
CA LEU A 2 -17.52 17.28 0.81
C LEU A 2 -19.00 17.15 1.16
N VAL A 3 -19.54 15.96 1.03
CA VAL A 3 -20.95 15.74 1.35
C VAL A 3 -21.08 14.32 1.86
N PRO A 4 -21.97 14.09 2.83
CA PRO A 4 -22.14 12.73 3.36
C PRO A 4 -22.54 11.79 2.23
N ARG A 5 -21.81 10.70 2.07
CA ARG A 5 -22.11 9.70 1.04
C ARG A 5 -21.62 8.36 1.57
N GLY A 6 -22.18 7.27 1.04
CA GLY A 6 -21.76 5.95 1.46
C GLY A 6 -20.35 5.65 0.95
N SER A 7 -19.52 5.06 1.82
CA SER A 7 -18.15 4.72 1.45
C SER A 7 -18.08 3.92 0.17
N MSE A 8 -19.02 2.99 0.01
CA MSE A 8 -19.06 2.12 -1.17
C MSE A 8 -19.15 2.89 -2.47
O MSE A 8 -18.99 2.30 -3.55
CB MSE A 8 -20.25 1.18 -1.03
CG MSE A 8 -19.94 -0.23 -1.41
SE MSE A 8 -21.21 -1.43 -0.65
CE MSE A 8 -20.40 -1.69 1.07
N ILE A 9 -19.42 4.18 -2.39
CA ILE A 9 -19.51 5.02 -3.59
C ILE A 9 -18.13 5.47 -4.07
N MSE A 10 -17.10 5.21 -3.26
CA MSE A 10 -15.71 5.58 -3.59
C MSE A 10 -15.29 4.94 -4.92
O MSE A 10 -15.59 3.76 -5.16
CB MSE A 10 -14.73 5.04 -2.55
CG MSE A 10 -14.73 5.61 -1.17
SE MSE A 10 -13.57 4.50 -0.04
CE MSE A 10 -11.84 5.16 -0.62
N LYS A 11 -14.57 5.69 -5.75
CA LYS A 11 -14.07 5.14 -7.01
C LYS A 11 -12.99 4.13 -6.65
N ASP A 12 -12.80 3.14 -7.52
CA ASP A 12 -11.79 2.12 -7.35
C ASP A 12 -10.41 2.75 -7.63
N GLY A 13 -9.36 2.31 -6.96
CA GLY A 13 -8.08 2.92 -7.23
C GLY A 13 -7.14 3.00 -6.04
N ILE A 14 -6.07 3.77 -6.18
CA ILE A 14 -5.11 3.89 -5.11
C ILE A 14 -5.27 5.26 -4.51
N TYR A 15 -5.23 5.33 -3.18
CA TYR A 15 -5.39 6.59 -2.46
C TYR A 15 -4.22 6.80 -1.53
N SER A 16 -3.94 8.07 -1.27
CA SER A 16 -2.91 8.52 -0.36
C SER A 16 -3.70 8.81 0.92
N ILE A 17 -3.17 8.46 2.08
CA ILE A 17 -3.93 8.73 3.27
C ILE A 17 -3.11 9.36 4.39
N ILE A 18 -3.74 10.24 5.15
CA ILE A 18 -3.12 10.92 6.28
C ILE A 18 -4.08 10.77 7.48
N PHE A 19 -3.56 10.48 8.66
CA PHE A 19 -4.46 10.28 9.80
C PHE A 19 -3.85 10.73 11.13
N ILE A 20 -4.71 11.09 12.09
CA ILE A 20 -4.27 11.52 13.41
C ILE A 20 -5.15 10.84 14.46
N SER A 21 -4.51 10.38 15.54
CA SER A 21 -5.22 9.67 16.60
C SER A 21 -5.64 10.54 17.77
N ASN A 22 -6.41 9.95 18.68
CA ASN A 22 -6.83 10.65 19.89
C ASN A 22 -5.57 10.96 20.71
N GLU A 23 -4.53 10.14 20.56
CA GLU A 23 -3.27 10.35 21.26
C GLU A 23 -2.51 11.52 20.62
N ASP A 24 -3.05 12.06 19.53
CA ASP A 24 -2.46 13.20 18.83
C ASP A 24 -1.17 12.84 18.07
N SER A 25 -1.11 11.60 17.59
CA SER A 25 0.02 11.14 16.81
C SER A 25 -0.47 11.02 15.38
N CYS A 26 0.38 11.36 14.42
CA CYS A 26 -0.02 11.29 13.02
C CYS A 26 0.74 10.25 12.23
N GLY A 27 0.15 9.86 11.11
CA GLY A 27 0.78 8.88 10.24
C GLY A 27 0.26 9.10 8.82
N GLU A 28 0.95 8.50 7.86
CA GLU A 28 0.51 8.58 6.48
C GLU A 28 0.63 7.20 5.87
N GLY A 29 -0.17 6.95 4.84
CA GLY A 29 -0.08 5.65 4.21
C GLY A 29 -0.74 5.67 2.84
N ILE A 30 -1.04 4.47 2.38
CA ILE A 30 -1.66 4.24 1.09
C ILE A 30 -2.86 3.32 1.31
N LEU A 31 -3.85 3.44 0.44
CA LEU A 31 -5.05 2.65 0.54
C LEU A 31 -5.48 2.26 -0.87
N ILE A 32 -5.81 0.99 -1.03
CA ILE A 32 -6.25 0.49 -2.32
C ILE A 32 -7.69 -0.03 -2.25
N LYS A 33 -8.57 0.50 -3.09
CA LYS A 33 -9.93 -0.02 -3.12
C LYS A 33 -10.15 -0.74 -4.45
N ASN A 34 -10.60 -2.00 -4.40
CA ASN A 34 -10.87 -2.74 -5.65
C ASN A 34 -12.39 -2.94 -5.82
N GLY A 35 -12.96 -3.91 -5.14
CA GLY A 35 -14.40 -4.04 -5.26
C GLY A 35 -14.92 -3.36 -4.01
N ASN A 36 -15.21 -4.18 -3.02
CA ASN A 36 -15.65 -3.70 -1.71
C ASN A 36 -14.44 -4.03 -0.85
N MSE A 37 -13.38 -4.45 -1.52
CA MSE A 37 -12.15 -4.83 -0.86
C MSE A 37 -11.24 -3.63 -0.58
O MSE A 37 -11.00 -2.81 -1.46
CB MSE A 37 -11.38 -5.85 -1.70
CG MSE A 37 -12.10 -7.18 -1.88
SE MSE A 37 -11.04 -8.49 -2.86
CE MSE A 37 -9.57 -8.67 -1.61
N ILE A 38 -10.75 -3.58 0.64
CA ILE A 38 -9.84 -2.50 1.02
C ILE A 38 -8.57 -3.04 1.66
N THR A 39 -7.44 -2.70 1.05
CA THR A 39 -6.15 -3.13 1.54
C THR A 39 -5.25 -1.91 1.61
N GLY A 40 -4.36 -1.84 2.58
CA GLY A 40 -3.46 -0.70 2.64
C GLY A 40 -2.37 -0.86 3.66
N GLY A 41 -1.62 0.22 3.89
CA GLY A 41 -0.58 0.16 4.89
C GLY A 41 0.29 1.38 4.97
N ASP A 42 1.11 1.43 6.01
CA ASP A 42 2.06 2.51 6.20
C ASP A 42 3.39 1.84 6.57
N ILE A 43 4.38 2.61 7.04
CA ILE A 43 5.65 1.97 7.36
C ILE A 43 5.61 0.97 8.52
N ALA A 44 4.49 0.87 9.25
CA ALA A 44 4.45 -0.08 10.38
C ALA A 44 3.28 -1.05 10.44
N SER A 45 2.17 -0.71 9.80
CA SER A 45 1.01 -1.58 9.83
C SER A 45 0.38 -1.65 8.46
N VAL A 46 -0.38 -2.73 8.24
CA VAL A 46 -1.11 -2.91 7.02
C VAL A 46 -2.55 -3.08 7.46
N TYR A 47 -3.50 -2.76 6.59
CA TYR A 47 -4.91 -2.86 6.93
C TYR A 47 -5.67 -3.54 5.84
N GLN A 48 -6.73 -4.24 6.22
CA GLN A 48 -7.59 -4.93 5.26
C GLN A 48 -9.00 -5.05 5.79
N GLY A 49 -9.97 -4.93 4.88
CA GLY A 49 -11.37 -5.05 5.25
C GLY A 49 -12.26 -5.03 4.03
N VAL A 50 -13.55 -5.29 4.22
CA VAL A 50 -14.49 -5.29 3.11
C VAL A 50 -15.65 -4.36 3.38
N LEU A 51 -15.88 -3.45 2.43
CA LEU A 51 -16.98 -2.51 2.53
C LEU A 51 -18.24 -3.30 2.90
N SER A 52 -18.67 -3.11 4.14
CA SER A 52 -19.84 -3.80 4.67
C SER A 52 -21.17 -3.62 3.99
N GLU A 53 -21.96 -2.66 4.48
CA GLU A 53 -23.29 -2.41 3.96
C GLU A 53 -24.12 -3.62 4.42
N ASP A 54 -24.95 -3.42 5.44
CA ASP A 54 -25.73 -4.51 5.97
C ASP A 54 -24.93 -5.13 7.11
N GLU A 55 -23.73 -4.60 7.30
CA GLU A 55 -22.82 -5.05 8.36
C GLU A 55 -21.91 -3.90 8.79
N ASP A 56 -21.32 -4.04 9.97
CA ASP A 56 -20.38 -3.06 10.49
C ASP A 56 -19.10 -3.26 9.68
N ILE A 57 -18.69 -2.24 8.93
CA ILE A 57 -17.46 -2.34 8.13
C ILE A 57 -16.29 -2.45 9.10
N ILE A 58 -15.65 -3.61 9.12
CA ILE A 58 -14.52 -3.87 10.00
C ILE A 58 -13.20 -3.82 9.23
N LEU A 59 -12.22 -3.12 9.79
CA LEU A 59 -10.91 -2.99 9.14
C LEU A 59 -9.93 -3.65 10.07
N HIS A 60 -9.31 -4.73 9.62
CA HIS A 60 -8.36 -5.45 10.44
C HIS A 60 -7.00 -4.79 10.29
N VAL A 61 -6.48 -4.29 11.40
CA VAL A 61 -5.18 -3.64 11.37
C VAL A 61 -4.11 -4.59 11.90
N HIS A 62 -3.01 -4.69 11.17
CA HIS A 62 -1.91 -5.55 11.59
C HIS A 62 -0.57 -4.84 11.60
N ARG A 63 0.04 -4.83 12.77
CA ARG A 63 1.33 -4.21 12.97
C ARG A 63 2.42 -5.15 12.45
N TYR A 64 3.43 -4.62 11.77
CA TYR A 64 4.49 -5.48 11.27
C TYR A 64 5.87 -4.95 11.62
N ASN A 65 5.95 -3.73 12.14
CA ASN A 65 7.25 -3.17 12.54
C ASN A 65 7.05 -2.44 13.87
N TYR A 66 7.40 -3.11 14.97
CA TYR A 66 7.24 -2.53 16.31
C TYR A 66 8.34 -1.58 16.75
N GLU A 67 9.34 -1.39 15.91
CA GLU A 67 10.41 -0.45 16.22
C GLU A 67 9.83 0.92 15.92
N ILE A 68 8.66 0.91 15.29
CA ILE A 68 7.94 2.12 14.95
C ILE A 68 6.66 2.13 15.77
N PRO A 69 6.39 3.23 16.49
CA PRO A 69 5.16 3.28 17.31
C PRO A 69 3.84 3.25 16.54
N SER A 70 2.80 2.79 17.22
CA SER A 70 1.47 2.77 16.62
C SER A 70 0.91 4.16 16.90
N VAL A 71 0.21 4.72 15.92
CA VAL A 71 -0.40 6.02 16.08
C VAL A 71 -1.38 5.94 17.28
N LEU A 72 -1.87 4.74 17.57
CA LEU A 72 -2.79 4.50 18.69
C LEU A 72 -2.14 3.84 19.91
N ASN A 73 -0.84 3.57 19.85
CA ASN A 73 -0.13 2.95 20.97
C ASN A 73 -0.78 1.66 21.49
N ILE A 74 -1.29 0.82 20.60
CA ILE A 74 -1.94 -0.40 21.04
C ILE A 74 -1.00 -1.60 21.29
N GLU A 75 -0.02 -1.81 20.41
CA GLU A 75 0.95 -2.90 20.56
C GLU A 75 0.47 -4.31 20.25
N GLN A 76 -0.38 -4.44 19.24
CA GLN A 76 -0.91 -5.74 18.80
C GLN A 76 -1.93 -5.52 17.70
N ASP A 77 -2.49 -6.59 17.16
CA ASP A 77 -3.49 -6.51 16.08
C ASP A 77 -4.89 -6.11 16.54
N TYR A 78 -5.51 -5.17 15.84
CA TYR A 78 -6.85 -4.73 16.24
C TYR A 78 -7.80 -4.45 15.10
N GLN A 79 -9.01 -4.05 15.48
CA GLN A 79 -10.04 -3.75 14.50
C GLN A 79 -10.56 -2.34 14.64
N LEU A 80 -10.71 -1.69 13.49
CA LEU A 80 -11.26 -0.34 13.45
C LEU A 80 -12.61 -0.46 12.78
N VAL A 81 -13.59 0.27 13.31
CA VAL A 81 -14.93 0.26 12.74
C VAL A 81 -15.01 1.42 11.77
N ILE A 82 -15.24 1.11 10.49
CA ILE A 82 -15.34 2.16 9.48
C ILE A 82 -16.80 2.60 9.32
N PRO A 83 -17.04 3.92 9.40
CA PRO A 83 -18.38 4.50 9.28
C PRO A 83 -19.08 4.06 8.00
N LYS A 84 -20.40 3.98 8.03
CA LYS A 84 -21.16 3.60 6.85
C LYS A 84 -21.18 4.78 5.88
N LYS A 85 -21.09 5.99 6.43
CA LYS A 85 -21.07 7.18 5.60
C LYS A 85 -19.89 8.09 5.91
N VAL A 86 -19.36 8.66 4.84
CA VAL A 86 -18.19 9.52 4.90
C VAL A 86 -18.50 10.86 4.23
N LEU A 87 -17.65 11.84 4.51
CA LEU A 87 -17.77 13.17 3.94
C LEU A 87 -16.89 13.05 2.70
N SER A 88 -17.47 13.19 1.51
CA SER A 88 -16.64 13.02 0.33
C SER A 88 -17.00 13.82 -0.90
N ASN A 89 -16.02 13.80 -1.82
CA ASN A 89 -15.96 14.46 -3.15
C ASN A 89 -15.67 13.31 -4.12
N ASP A 90 -15.54 13.64 -5.39
CA ASP A 90 -15.18 12.63 -6.37
C ASP A 90 -13.77 12.13 -6.05
N ASN A 91 -12.90 13.00 -5.55
CA ASN A 91 -11.52 12.56 -5.27
C ASN A 91 -10.99 12.72 -3.84
N ASN A 92 -11.84 13.07 -2.90
CA ASN A 92 -11.38 13.32 -1.53
C ASN A 92 -12.38 12.80 -0.52
N LEU A 93 -11.90 12.44 0.67
CA LEU A 93 -12.84 12.01 1.69
C LEU A 93 -12.21 11.99 3.08
N THR A 94 -13.04 12.13 4.11
CA THR A 94 -12.58 12.08 5.49
C THR A 94 -13.54 11.18 6.26
N LEU A 95 -13.06 10.59 7.32
CA LEU A 95 -13.86 9.74 8.16
C LEU A 95 -13.22 9.62 9.54
N HIS A 96 -14.04 9.30 10.52
CA HIS A 96 -13.63 9.13 11.90
C HIS A 96 -13.84 7.64 12.16
N CYS A 97 -12.78 6.93 12.49
CA CYS A 97 -12.86 5.49 12.75
C CYS A 97 -12.46 5.26 14.21
N HIS A 98 -13.12 4.36 14.91
CA HIS A 98 -12.71 4.08 16.30
C HIS A 98 -12.47 2.59 16.45
N VAL A 99 -11.65 2.24 17.43
CA VAL A 99 -11.39 0.84 17.71
C VAL A 99 -12.68 0.16 18.17
N ARG A 100 -12.95 -1.02 17.64
CA ARG A 100 -14.15 -1.77 18.00
C ARG A 100 -14.16 -1.98 19.51
N GLY A 101 -15.28 -1.68 20.15
CA GLY A 101 -15.37 -1.84 21.59
C GLY A 101 -14.74 -0.74 22.41
N ASN A 102 -14.37 0.39 21.79
CA ASN A 102 -13.78 1.50 22.53
C ASN A 102 -13.80 2.82 21.76
N GLU A 103 -14.93 3.52 21.85
CA GLU A 103 -15.11 4.79 21.13
C GLU A 103 -14.00 5.80 21.44
N LYS A 104 -13.40 5.71 22.61
CA LYS A 104 -12.35 6.65 22.99
C LYS A 104 -11.03 6.47 22.25
N LEU A 105 -10.87 5.35 21.55
CA LEU A 105 -9.66 5.05 20.78
C LEU A 105 -10.02 5.26 19.31
N PHE A 106 -9.52 6.33 18.70
CA PHE A 106 -9.89 6.60 17.32
C PHE A 106 -8.87 7.36 16.47
N VAL A 107 -9.15 7.37 15.17
CA VAL A 107 -8.33 8.10 14.22
C VAL A 107 -9.25 8.85 13.21
N ASP A 108 -8.81 10.04 12.82
CA ASP A 108 -9.53 10.84 11.84
C ASP A 108 -8.65 10.73 10.62
N VAL A 109 -9.25 10.33 9.51
CA VAL A 109 -8.50 10.10 8.27
C VAL A 109 -8.92 10.97 7.09
N TYR A 110 -7.94 11.44 6.33
CA TYR A 110 -8.22 12.15 5.09
C TYR A 110 -7.58 11.28 3.98
N ALA A 111 -8.36 11.01 2.95
CA ALA A 111 -7.89 10.20 1.85
C ALA A 111 -8.03 11.03 0.58
N LYS A 112 -7.03 10.91 -0.29
CA LYS A 112 -6.98 11.63 -1.56
C LYS A 112 -6.77 10.64 -2.71
N PHE A 113 -7.66 10.65 -3.69
CA PHE A 113 -7.55 9.74 -4.84
C PHE A 113 -6.28 10.00 -5.65
N ILE A 114 -5.51 8.95 -5.93
CA ILE A 114 -4.30 9.13 -6.71
C ILE A 114 -4.52 8.67 -8.17
N GLU A 115 -5.01 7.45 -8.36
CA GLU A 115 -5.24 6.96 -9.74
C GLU A 115 -6.02 5.68 -9.76
N PRO A 116 -6.61 5.35 -10.93
CA PRO A 116 -7.41 4.14 -11.13
C PRO A 116 -6.53 2.89 -11.16
N LEU A 117 -7.15 1.73 -10.96
CA LEU A 117 -6.40 0.48 -11.03
C LEU A 117 -6.10 0.25 -12.52
N VAL A 118 -5.00 -0.43 -12.81
CA VAL A 118 -4.63 -0.70 -14.21
C VAL A 118 -5.66 -1.57 -14.90
N GLY B 1 16.68 -21.06 3.01
CA GLY B 1 17.49 -20.26 2.04
C GLY B 1 16.68 -19.82 0.85
N LEU B 2 17.16 -18.81 0.14
CA LEU B 2 16.48 -18.32 -1.06
C LEU B 2 16.90 -19.17 -2.26
N VAL B 3 15.97 -19.45 -3.16
CA VAL B 3 16.25 -20.20 -4.39
C VAL B 3 15.67 -19.46 -5.59
N PRO B 4 16.22 -19.70 -6.78
CA PRO B 4 15.68 -19.01 -7.96
C PRO B 4 14.28 -19.55 -8.21
N ARG B 5 13.33 -18.66 -8.49
CA ARG B 5 11.95 -19.04 -8.75
C ARG B 5 11.25 -18.00 -9.62
N GLY B 6 10.08 -18.38 -10.12
CA GLY B 6 9.32 -17.48 -10.95
C GLY B 6 8.68 -16.46 -10.02
N SER B 7 8.85 -15.19 -10.34
CA SER B 7 8.29 -14.14 -9.50
C SER B 7 6.79 -14.31 -9.39
N MSE B 8 6.17 -14.83 -10.46
CA MSE B 8 4.74 -15.01 -10.46
C MSE B 8 4.25 -16.14 -9.57
O MSE B 8 3.07 -16.46 -9.55
CB MSE B 8 4.24 -15.24 -11.88
CG MSE B 8 2.76 -15.00 -12.04
SE MSE B 8 2.25 -15.20 -13.87
CE MSE B 8 3.41 -13.89 -14.63
N ILE B 9 5.16 -16.76 -8.81
CA ILE B 9 4.76 -17.84 -7.94
C ILE B 9 4.65 -17.36 -6.49
N MSE B 10 4.81 -16.05 -6.30
CA MSE B 10 4.69 -15.42 -4.98
C MSE B 10 3.30 -15.64 -4.39
O MSE B 10 2.31 -15.63 -5.12
CB MSE B 10 4.85 -13.90 -5.09
CG MSE B 10 6.12 -13.35 -5.71
SE MSE B 10 5.82 -11.47 -6.19
CE MSE B 10 5.63 -10.69 -4.42
N LYS B 11 3.20 -15.81 -3.07
CA LYS B 11 1.90 -15.97 -2.43
C LYS B 11 1.17 -14.63 -2.56
N ASP B 12 -0.13 -14.70 -2.82
CA ASP B 12 -0.96 -13.50 -2.89
C ASP B 12 -0.90 -12.93 -1.49
N GLY B 13 -1.11 -11.62 -1.35
CA GLY B 13 -1.04 -11.03 -0.02
C GLY B 13 -0.46 -9.63 0.06
N ILE B 14 -0.10 -9.24 1.28
CA ILE B 14 0.47 -7.93 1.52
C ILE B 14 1.91 -8.10 1.98
N TYR B 15 2.80 -7.38 1.29
CA TYR B 15 4.21 -7.42 1.53
C TYR B 15 4.78 -6.06 1.92
N SER B 16 5.79 -6.11 2.79
CA SER B 16 6.52 -4.92 3.18
C SER B 16 7.72 -4.94 2.21
N ILE B 17 8.19 -3.78 1.78
CA ILE B 17 9.29 -3.77 0.85
C ILE B 17 10.28 -2.67 1.22
N ILE B 18 11.57 -2.95 1.03
CA ILE B 18 12.67 -2.03 1.29
C ILE B 18 13.57 -2.08 0.05
N PHE B 19 14.06 -0.94 -0.40
CA PHE B 19 14.84 -0.92 -1.61
C PHE B 19 15.94 0.13 -1.62
N ILE B 20 16.98 -0.16 -2.41
CA ILE B 20 18.11 0.76 -2.54
C ILE B 20 18.40 0.90 -4.02
N SER B 21 18.62 2.15 -4.42
CA SER B 21 18.86 2.48 -5.82
C SER B 21 20.34 2.55 -6.15
N ASN B 22 20.64 2.62 -7.45
CA ASN B 22 22.00 2.71 -7.93
C ASN B 22 22.66 3.99 -7.36
N GLU B 23 21.84 4.94 -6.93
CA GLU B 23 22.31 6.22 -6.39
C GLU B 23 22.55 6.17 -4.88
N ASP B 24 22.38 4.99 -4.31
CA ASP B 24 22.56 4.81 -2.88
C ASP B 24 21.49 5.57 -2.05
N SER B 25 20.26 5.59 -2.54
CA SER B 25 19.15 6.21 -1.79
C SER B 25 18.23 5.03 -1.46
N CYS B 26 17.69 4.99 -0.24
CA CYS B 26 16.80 3.89 0.14
C CYS B 26 15.39 4.36 0.36
N GLY B 27 14.45 3.44 0.23
CA GLY B 27 13.05 3.73 0.44
C GLY B 27 12.38 2.48 1.01
N GLU B 28 11.18 2.69 1.52
CA GLU B 28 10.39 1.59 2.08
C GLU B 28 8.97 1.70 1.58
N GLY B 29 8.29 0.59 1.46
CA GLY B 29 6.93 0.68 0.99
C GLY B 29 6.11 -0.56 1.23
N ILE B 30 4.98 -0.62 0.56
CA ILE B 30 4.04 -1.72 0.69
C ILE B 30 3.74 -2.24 -0.70
N LEU B 31 3.45 -3.52 -0.81
CA LEU B 31 3.19 -4.07 -2.12
C LEU B 31 2.08 -5.09 -1.95
N ILE B 32 1.07 -5.01 -2.82
CA ILE B 32 -0.04 -5.95 -2.77
C ILE B 32 -0.09 -6.81 -4.04
N LYS B 33 -0.17 -8.12 -3.84
CA LYS B 33 -0.23 -9.05 -4.96
C LYS B 33 -1.60 -9.74 -4.89
N ASN B 34 -2.39 -9.61 -5.94
CA ASN B 34 -3.70 -10.22 -5.95
C ASN B 34 -3.66 -11.38 -6.97
N GLY B 35 -3.97 -11.12 -8.22
CA GLY B 35 -3.85 -12.26 -9.13
C GLY B 35 -2.46 -12.14 -9.70
N ASN B 36 -2.40 -11.70 -10.95
CA ASN B 36 -1.10 -11.43 -11.54
C ASN B 36 -0.93 -9.91 -11.30
N MSE B 37 -1.95 -9.31 -10.67
CA MSE B 37 -1.95 -7.88 -10.39
C MSE B 37 -1.14 -7.52 -9.17
O MSE B 37 -1.29 -8.11 -8.11
CB MSE B 37 -3.38 -7.36 -10.25
CG MSE B 37 -3.46 -5.88 -9.79
SE MSE B 37 -5.17 -4.95 -10.04
CE MSE B 37 -4.54 -3.38 -10.96
N ILE B 38 -0.27 -6.54 -9.34
CA ILE B 38 0.59 -6.04 -8.29
C ILE B 38 0.33 -4.54 -8.17
N THR B 39 0.08 -4.09 -6.95
CA THR B 39 -0.24 -2.70 -6.69
C THR B 39 0.42 -2.32 -5.35
N GLY B 40 0.93 -1.09 -5.25
CA GLY B 40 1.55 -0.70 -3.98
C GLY B 40 2.04 0.73 -4.02
N GLY B 41 2.84 1.11 -3.02
CA GLY B 41 3.34 2.47 -2.99
C GLY B 41 4.11 2.79 -1.73
N ASP B 42 4.71 4.00 -1.73
CA ASP B 42 5.46 4.52 -0.61
C ASP B 42 4.95 5.93 -0.33
N ILE B 43 5.68 6.72 0.47
CA ILE B 43 5.18 8.07 0.76
C ILE B 43 5.19 9.05 -0.38
N ALA B 44 5.84 8.71 -1.50
CA ALA B 44 5.85 9.64 -2.62
C ALA B 44 5.39 9.07 -3.97
N SER B 45 5.40 7.74 -4.14
CA SER B 45 4.95 7.16 -5.41
C SER B 45 4.07 5.91 -5.20
N VAL B 46 3.30 5.56 -6.22
CA VAL B 46 2.50 4.33 -6.16
C VAL B 46 2.87 3.54 -7.41
N TYR B 47 2.65 2.23 -7.37
CA TYR B 47 3.01 1.38 -8.50
C TYR B 47 1.96 0.33 -8.78
N GLN B 48 1.86 -0.02 -10.05
CA GLN B 48 0.91 -1.04 -10.49
C GLN B 48 1.52 -1.77 -11.68
N GLY B 49 1.29 -3.07 -11.74
CA GLY B 49 1.79 -3.88 -12.82
C GLY B 49 1.10 -5.23 -12.84
N VAL B 50 1.29 -5.98 -13.93
CA VAL B 50 0.67 -7.29 -14.06
C VAL B 50 1.73 -8.38 -14.29
N LEU B 51 1.77 -9.35 -13.40
CA LEU B 51 2.72 -10.44 -13.55
C LEU B 51 2.37 -11.03 -14.92
N SER B 52 3.26 -10.81 -15.89
CA SER B 52 3.03 -11.25 -17.25
C SER B 52 2.91 -12.72 -17.57
N GLU B 53 4.02 -13.29 -18.03
CA GLU B 53 4.14 -14.70 -18.44
C GLU B 53 3.85 -14.77 -19.94
N ASP B 54 4.75 -14.15 -20.70
CA ASP B 54 4.63 -14.10 -22.14
C ASP B 54 5.06 -12.71 -22.56
N GLU B 55 5.37 -11.89 -21.55
CA GLU B 55 5.80 -10.51 -21.74
C GLU B 55 6.63 -10.06 -20.55
N ASP B 56 7.60 -9.17 -20.81
CA ASP B 56 8.45 -8.64 -19.75
C ASP B 56 7.54 -7.84 -18.83
N ILE B 57 7.66 -8.11 -17.53
CA ILE B 57 6.83 -7.46 -16.53
C ILE B 57 7.19 -5.99 -16.35
N ILE B 58 6.23 -5.12 -16.65
CA ILE B 58 6.41 -3.70 -16.54
C ILE B 58 5.63 -3.12 -15.35
N LEU B 59 6.38 -2.51 -14.45
CA LEU B 59 5.80 -1.91 -13.28
C LEU B 59 5.74 -0.40 -13.52
N HIS B 60 4.53 0.16 -13.52
CA HIS B 60 4.35 1.59 -13.74
C HIS B 60 4.42 2.37 -12.44
N VAL B 61 5.45 3.19 -12.33
CA VAL B 61 5.65 4.01 -11.14
C VAL B 61 5.11 5.43 -11.37
N HIS B 62 4.17 5.82 -10.52
CA HIS B 62 3.58 7.15 -10.62
C HIS B 62 3.93 7.99 -9.40
N ARG B 63 4.60 9.11 -9.62
CA ARG B 63 4.98 9.99 -8.52
C ARG B 63 3.80 10.86 -8.10
N TYR B 64 3.38 10.80 -6.82
CA TYR B 64 2.26 11.64 -6.42
C TYR B 64 2.61 12.77 -5.44
N ASN B 65 3.84 12.75 -4.92
CA ASN B 65 4.28 13.82 -4.01
C ASN B 65 5.68 14.24 -4.51
N TYR B 66 5.74 15.38 -5.17
CA TYR B 66 6.99 15.91 -5.68
C TYR B 66 7.80 16.69 -4.64
N GLU B 67 7.24 16.82 -3.43
CA GLU B 67 7.95 17.52 -2.35
C GLU B 67 8.90 16.59 -1.63
N ILE B 68 8.83 15.31 -1.98
CA ILE B 68 9.70 14.28 -1.42
C ILE B 68 10.52 13.76 -2.60
N PRO B 69 11.82 13.52 -2.37
CA PRO B 69 12.71 13.02 -3.42
C PRO B 69 12.42 11.56 -3.78
N SER B 70 12.62 11.23 -5.05
CA SER B 70 12.49 9.87 -5.54
C SER B 70 13.86 9.22 -5.27
N VAL B 71 13.89 7.93 -5.01
CA VAL B 71 15.17 7.23 -4.80
C VAL B 71 16.01 7.26 -6.10
N LEU B 72 15.39 7.58 -7.23
CA LEU B 72 16.12 7.61 -8.49
C LEU B 72 16.36 9.01 -9.03
N ASN B 73 15.71 9.99 -8.44
CA ASN B 73 15.84 11.38 -8.90
C ASN B 73 15.48 11.59 -10.38
N ILE B 74 14.41 10.94 -10.82
CA ILE B 74 13.94 11.02 -12.20
C ILE B 74 13.06 12.27 -12.47
N GLU B 75 12.26 12.62 -11.47
CA GLU B 75 11.32 13.75 -11.47
C GLU B 75 10.14 13.64 -12.42
N GLN B 76 9.66 12.42 -12.61
CA GLN B 76 8.50 12.21 -13.46
C GLN B 76 8.17 10.73 -13.36
N ASP B 77 7.05 10.34 -13.93
CA ASP B 77 6.66 8.94 -13.91
C ASP B 77 7.63 8.12 -14.75
N TYR B 78 7.80 6.85 -14.40
CA TYR B 78 8.70 5.99 -15.15
C TYR B 78 8.25 4.55 -15.05
N GLN B 79 8.98 3.66 -15.71
CA GLN B 79 8.64 2.26 -15.71
C GLN B 79 9.79 1.39 -15.24
N LEU B 80 9.48 0.41 -14.41
CA LEU B 80 10.53 -0.50 -13.93
C LEU B 80 10.29 -1.85 -14.60
N VAL B 81 11.36 -2.55 -14.96
CA VAL B 81 11.18 -3.86 -15.54
C VAL B 81 11.34 -4.87 -14.40
N ILE B 82 10.35 -5.73 -14.20
CA ILE B 82 10.45 -6.69 -13.10
C ILE B 82 10.93 -8.04 -13.66
N PRO B 83 12.01 -8.59 -13.08
CA PRO B 83 12.59 -9.87 -13.49
C PRO B 83 11.57 -11.00 -13.43
N LYS B 84 11.66 -11.93 -14.35
CA LYS B 84 10.76 -13.08 -14.37
C LYS B 84 11.30 -14.06 -13.32
N LYS B 85 12.58 -13.95 -13.03
CA LYS B 85 13.25 -14.79 -12.04
C LYS B 85 13.64 -13.96 -10.80
N VAL B 86 13.41 -14.55 -9.63
CA VAL B 86 13.71 -13.91 -8.35
C VAL B 86 14.29 -14.95 -7.37
N LEU B 87 15.00 -14.49 -6.36
CA LEU B 87 15.57 -15.38 -5.35
C LEU B 87 14.55 -15.31 -4.22
N SER B 88 13.86 -16.42 -3.93
CA SER B 88 12.83 -16.35 -2.92
C SER B 88 12.61 -17.54 -1.99
N ASN B 89 11.72 -17.31 -1.05
CA ASN B 89 11.27 -18.27 -0.03
C ASN B 89 9.75 -18.34 -0.12
N ASP B 90 9.15 -18.87 0.94
CA ASP B 90 7.70 -18.95 1.04
C ASP B 90 7.28 -17.67 1.78
N ASN B 91 8.25 -16.81 2.05
CA ASN B 91 7.96 -15.57 2.77
C ASN B 91 8.91 -14.40 2.50
N ASN B 92 9.97 -14.66 1.75
CA ASN B 92 10.96 -13.63 1.45
C ASN B 92 11.40 -13.70 0.03
N LEU B 93 11.76 -12.56 -0.51
CA LEU B 93 12.30 -12.53 -1.86
C LEU B 93 13.07 -11.25 -2.14
N THR B 94 14.01 -11.33 -3.07
CA THR B 94 14.77 -10.14 -3.46
C THR B 94 14.77 -10.07 -4.97
N LEU B 95 14.96 -8.86 -5.49
CA LEU B 95 15.03 -8.71 -6.92
C LEU B 95 15.73 -7.43 -7.30
N HIS B 96 16.22 -7.42 -8.53
CA HIS B 96 16.92 -6.31 -9.07
C HIS B 96 16.06 -5.83 -10.24
N CYS B 97 15.56 -4.58 -10.12
CA CYS B 97 14.66 -4.00 -11.12
C CYS B 97 15.29 -2.76 -11.74
N HIS B 98 15.43 -2.72 -13.07
CA HIS B 98 15.99 -1.55 -13.72
C HIS B 98 14.90 -0.75 -14.43
N VAL B 99 15.21 0.51 -14.69
CA VAL B 99 14.30 1.41 -15.36
C VAL B 99 14.25 0.97 -16.82
N ARG B 100 13.04 0.90 -17.36
CA ARG B 100 12.88 0.49 -18.73
C ARG B 100 13.59 1.49 -19.63
N GLY B 101 14.59 0.99 -20.37
CA GLY B 101 15.33 1.87 -21.25
C GLY B 101 16.69 2.24 -20.70
N ASN B 102 16.95 1.95 -19.43
CA ASN B 102 18.25 2.29 -18.87
C ASN B 102 18.63 1.35 -17.74
N GLU B 103 19.45 0.37 -18.05
CA GLU B 103 19.89 -0.59 -17.06
C GLU B 103 20.77 0.00 -15.97
N LYS B 104 21.31 1.20 -16.18
CA LYS B 104 22.16 1.86 -15.19
C LYS B 104 21.37 2.45 -14.03
N LEU B 105 20.05 2.56 -14.20
CA LEU B 105 19.16 3.10 -13.18
C LEU B 105 18.38 1.90 -12.66
N PHE B 106 18.50 1.62 -11.37
CA PHE B 106 17.81 0.45 -10.83
C PHE B 106 17.63 0.51 -9.34
N VAL B 107 16.83 -0.43 -8.83
CA VAL B 107 16.62 -0.59 -7.40
C VAL B 107 16.76 -2.05 -7.08
N ASP B 108 17.38 -2.34 -5.94
CA ASP B 108 17.51 -3.72 -5.49
C ASP B 108 16.53 -3.73 -4.34
N VAL B 109 15.60 -4.67 -4.43
CA VAL B 109 14.48 -4.80 -3.53
C VAL B 109 14.44 -6.05 -2.67
N TYR B 110 14.06 -5.89 -1.41
CA TYR B 110 13.87 -7.02 -0.50
C TYR B 110 12.41 -6.90 -0.10
N ALA B 111 11.66 -7.99 -0.27
CA ALA B 111 10.25 -8.00 0.07
C ALA B 111 9.98 -9.07 1.15
N LYS B 112 9.12 -8.75 2.11
CA LYS B 112 8.78 -9.67 3.18
C LYS B 112 7.28 -9.87 3.20
N PHE B 113 6.85 -11.13 3.19
CA PHE B 113 5.42 -11.44 3.24
C PHE B 113 4.88 -11.07 4.60
N ILE B 114 3.78 -10.33 4.61
CA ILE B 114 3.15 -9.92 5.88
C ILE B 114 1.91 -10.76 6.18
N GLU B 115 0.94 -10.78 5.28
CA GLU B 115 -0.28 -11.57 5.49
C GLU B 115 -1.07 -11.77 4.20
N PRO B 116 -1.91 -12.81 4.12
CA PRO B 116 -2.68 -13.04 2.89
C PRO B 116 -3.84 -12.04 2.86
N LEU B 117 -4.49 -11.93 1.72
CA LEU B 117 -5.60 -11.00 1.63
C LEU B 117 -6.95 -11.69 1.78
N VAL B 118 -7.97 -10.90 2.12
CA VAL B 118 -9.33 -11.41 2.31
C VAL B 118 -9.95 -11.81 0.98
O1 PG4 C . -0.43 3.47 13.92
C1 PG4 C . -0.67 2.07 13.85
C2 PG4 C . -1.99 1.81 13.12
O2 PG4 C . -2.37 2.95 12.34
C3 PG4 C . -3.62 2.57 11.75
C4 PG4 C . -4.20 3.69 10.90
O3 PG4 C . -5.00 3.09 9.92
C5 PG4 C . -5.60 4.10 9.10
C6 PG4 C . -6.42 3.35 8.07
O4 PG4 C . -7.72 3.90 7.94
C7 PG4 C . -8.36 3.09 6.96
C8 PG4 C . -9.78 3.58 6.72
O5 PG4 C . -10.31 2.92 5.56
O1 PG4 D . 11.54 6.61 -4.87
C1 PG4 D . 11.96 6.64 -6.25
C2 PG4 D . 10.76 6.43 -7.03
O2 PG4 D . 10.31 5.35 -6.35
C3 PG4 D . 9.11 4.89 -6.84
C4 PG4 D . 8.95 3.73 -5.94
O3 PG4 D . 9.90 2.74 -6.32
C5 PG4 D . 9.66 1.73 -5.37
C6 PG4 D . 10.53 0.57 -5.66
O4 PG4 D . 9.64 -0.39 -6.26
C7 PG4 D . 10.43 -1.53 -6.54
C8 PG4 D . 9.53 -2.54 -7.20
O5 PG4 D . 8.87 -3.31 -6.22
#